data_7N5N
#
_entry.id   7N5N
#
_cell.length_a   93.056
_cell.length_b   93.056
_cell.length_c   63.976
_cell.angle_alpha   90.000
_cell.angle_beta   90.000
_cell.angle_gamma   120.000
#
_symmetry.space_group_name_H-M   'P 3'
#
loop_
_entity.id
_entity.type
_entity.pdbx_description
1 polymer 'DNA polymerase sliding clamp'
2 non-polymer GLYCEROL
3 non-polymer 'SULFATE ION'
4 water water
#
_entity_poly.entity_id   1
_entity_poly.type   'polypeptide(L)'
_entity_poly.pdbx_seq_one_letter_code
;MNHKVHHHHHHIEGRHMPFEIVFDGAKEFADLIATASNLIDEAAFKITEEGVSMRAMDPSRVVLIDLNLPESIFSKYEVE
EPETIGINMDHFKKILKRGKSKDTLILRKGDENFLEITFEGTAKRTFRLPLIDVEELELELPELPFTAKVVLLGEVLKEA
IKDASLVSDSLKFIAKEDEFTMKAEGETNEVEIKLTLEDEGLLDLEVEEETRSAYGISYLADMVKGIGKADEVTLRFGTE
MPLQMDYFIRDEGKLTFLLAPRVEE
;
_entity_poly.pdbx_strand_id   A,B
#
loop_
_chem_comp.id
_chem_comp.type
_chem_comp.name
_chem_comp.formula
GOL non-polymer GLYCEROL 'C3 H8 O3'
SO4 non-polymer 'SULFATE ION' 'O4 S -2'
#
# COMPACT_ATOMS: atom_id res chain seq x y z
N HIS A 16 5.31 31.73 4.66
CA HIS A 16 4.78 30.37 4.71
C HIS A 16 5.87 29.33 4.92
N MET A 17 5.48 28.13 5.47
CA MET A 17 6.52 27.18 5.83
C MET A 17 6.86 26.26 4.65
N PRO A 18 8.11 25.85 4.54
CA PRO A 18 8.49 24.92 3.47
C PRO A 18 8.01 23.51 3.77
N PHE A 19 7.95 22.72 2.70
CA PHE A 19 7.74 21.29 2.85
C PHE A 19 8.51 20.58 1.75
N GLU A 20 8.82 19.32 1.99
CA GLU A 20 9.37 18.49 0.94
C GLU A 20 8.66 17.14 1.00
N ILE A 21 8.17 16.68 -0.17
CA ILE A 21 7.38 15.46 -0.28
C ILE A 21 7.96 14.64 -1.43
N VAL A 22 8.29 13.37 -1.16
CA VAL A 22 8.96 12.52 -2.13
C VAL A 22 8.09 11.29 -2.39
N PHE A 23 7.89 10.97 -3.67
CA PHE A 23 7.12 9.81 -4.09
C PHE A 23 7.98 8.96 -5.02
N ASP A 24 8.09 7.67 -4.73
CA ASP A 24 8.87 6.74 -5.55
C ASP A 24 7.98 6.22 -6.67
N GLY A 25 8.31 6.58 -7.91
CA GLY A 25 7.50 6.18 -9.06
C GLY A 25 6.70 7.32 -9.66
N ALA A 26 7.37 8.22 -10.40
CA ALA A 26 6.72 9.47 -10.80
C ALA A 26 5.60 9.24 -11.81
N LYS A 27 5.73 8.24 -12.70
CA LYS A 27 4.70 7.98 -13.69
C LYS A 27 3.40 7.54 -13.03
N GLU A 28 3.51 6.78 -11.95
CA GLU A 28 2.33 6.34 -11.23
C GLU A 28 1.65 7.50 -10.50
N PHE A 29 2.43 8.46 -10.03
CA PHE A 29 1.82 9.64 -9.43
C PHE A 29 1.13 10.50 -10.51
N ALA A 30 1.76 10.63 -11.67
CA ALA A 30 1.12 11.32 -12.79
C ALA A 30 -0.18 10.65 -13.17
N ASP A 31 -0.22 9.32 -13.20
CA ASP A 31 -1.44 8.61 -13.57
C ASP A 31 -2.54 8.89 -12.55
N LEU A 32 -2.19 8.87 -11.28
CA LEU A 32 -3.15 9.16 -10.23
C LEU A 32 -3.73 10.55 -10.39
N ILE A 33 -2.87 11.53 -10.67
CA ILE A 33 -3.38 12.89 -10.80
C ILE A 33 -4.24 13.05 -12.05
N ALA A 34 -3.87 12.38 -13.15
CA ALA A 34 -4.67 12.45 -14.37
C ALA A 34 -6.09 11.92 -14.15
N THR A 35 -6.28 10.93 -13.28
CA THR A 35 -7.64 10.47 -13.02
C THR A 35 -8.54 11.59 -12.52
N ALA A 36 -8.07 12.36 -11.52
CA ALA A 36 -8.87 13.46 -10.97
C ALA A 36 -8.94 14.64 -11.92
N SER A 37 -7.85 14.90 -12.64
CA SER A 37 -7.80 15.98 -13.60
C SER A 37 -8.83 15.84 -14.72
N ASN A 38 -9.40 14.64 -14.93
CA ASN A 38 -10.36 14.47 -16.03
C ASN A 38 -11.61 15.32 -15.82
N LEU A 39 -11.96 15.66 -14.59
CA LEU A 39 -13.16 16.45 -14.34
C LEU A 39 -12.86 17.82 -13.73
N ILE A 40 -11.63 18.07 -13.32
CA ILE A 40 -11.22 19.23 -12.55
C ILE A 40 -10.27 20.08 -13.39
N ASP A 41 -10.43 21.40 -13.31
CA ASP A 41 -9.49 22.34 -13.90
C ASP A 41 -8.50 22.89 -12.88
N GLU A 42 -8.89 22.95 -11.62
CA GLU A 42 -8.06 23.56 -10.59
C GLU A 42 -8.51 23.02 -9.23
N ALA A 43 -7.59 23.01 -8.28
CA ALA A 43 -7.87 22.32 -7.04
C ALA A 43 -6.96 22.86 -5.94
N ALA A 44 -7.51 22.90 -4.74
CA ALA A 44 -6.77 23.23 -3.55
C ALA A 44 -6.25 21.95 -2.92
N PHE A 45 -4.95 21.89 -2.64
CA PHE A 45 -4.36 20.74 -1.99
C PHE A 45 -4.03 21.12 -0.56
N LYS A 46 -4.62 20.41 0.39
CA LYS A 46 -4.32 20.63 1.79
C LYS A 46 -3.17 19.71 2.20
N ILE A 47 -2.05 20.29 2.57
CA ILE A 47 -0.87 19.55 2.96
C ILE A 47 -0.78 19.61 4.48
N THR A 48 -0.93 18.47 5.13
CA THR A 48 -0.80 18.36 6.57
C THR A 48 0.27 17.33 6.90
N GLU A 49 0.53 17.15 8.19
CA GLU A 49 1.52 16.18 8.62
C GLU A 49 1.04 14.75 8.46
N GLU A 50 -0.26 14.54 8.37
CA GLU A 50 -0.77 13.20 8.14
C GLU A 50 -0.85 12.82 6.66
N GLY A 51 -0.76 13.77 5.73
CA GLY A 51 -0.85 13.46 4.32
C GLY A 51 -1.36 14.65 3.53
N VAL A 52 -1.67 14.39 2.25
CA VAL A 52 -2.14 15.41 1.32
C VAL A 52 -3.58 15.07 0.94
N SER A 53 -4.45 16.05 0.95
CA SER A 53 -5.81 15.83 0.54
C SER A 53 -6.25 16.90 -0.45
N MET A 54 -7.19 16.52 -1.29
CA MET A 54 -7.72 17.40 -2.32
C MET A 54 -9.19 17.08 -2.49
N ARG A 55 -10.04 18.10 -2.32
CA ARG A 55 -11.46 17.99 -2.52
C ARG A 55 -11.87 19.04 -3.54
N ALA A 56 -12.60 18.64 -4.58
CA ALA A 56 -12.98 19.56 -5.64
C ALA A 56 -14.28 19.12 -6.29
N MET A 57 -14.92 20.06 -6.99
CA MET A 57 -16.08 19.78 -7.83
C MET A 57 -15.74 20.07 -9.29
N ASP A 58 -16.42 19.37 -10.19
CA ASP A 58 -16.29 19.65 -11.60
C ASP A 58 -17.01 20.99 -11.88
N PRO A 59 -16.72 21.62 -13.02
CA PRO A 59 -17.35 22.93 -13.30
C PRO A 59 -18.87 22.91 -13.26
N SER A 60 -19.53 21.78 -13.53
CA SER A 60 -20.99 21.74 -13.50
C SER A 60 -21.56 21.47 -12.11
N ARG A 61 -20.73 21.14 -11.11
CA ARG A 61 -21.15 20.79 -9.75
C ARG A 61 -21.93 19.48 -9.70
N VAL A 62 -21.69 18.60 -10.65
CA VAL A 62 -22.35 17.30 -10.68
C VAL A 62 -21.50 16.23 -9.98
N VAL A 63 -20.19 16.43 -9.93
CA VAL A 63 -19.26 15.42 -9.40
C VAL A 63 -18.38 16.05 -8.34
N LEU A 64 -18.31 15.43 -7.18
CA LEU A 64 -17.36 15.77 -6.14
C LEU A 64 -16.21 14.77 -6.16
N ILE A 65 -14.98 15.28 -6.17
CA ILE A 65 -13.77 14.46 -6.19
C ILE A 65 -13.06 14.64 -4.86
N ASP A 66 -12.62 13.52 -4.26
CA ASP A 66 -11.89 13.56 -3.00
C ASP A 66 -10.69 12.61 -3.11
N LEU A 67 -9.50 13.19 -3.05
CA LEU A 67 -8.29 12.42 -3.18
C LEU A 67 -7.53 12.53 -1.87
N ASN A 68 -7.20 11.40 -1.26
CA ASN A 68 -6.55 11.38 0.04
C ASN A 68 -5.26 10.58 -0.05
N LEU A 69 -4.12 11.25 0.17
CA LEU A 69 -2.82 10.60 0.06
C LEU A 69 -2.12 10.66 1.40
N PRO A 70 -2.21 9.61 2.21
CA PRO A 70 -1.57 9.64 3.53
C PRO A 70 -0.05 9.60 3.43
N GLU A 71 0.57 10.18 4.46
CA GLU A 71 2.03 10.28 4.55
C GLU A 71 2.73 8.94 4.33
N SER A 72 2.06 7.83 4.62
CA SER A 72 2.72 6.53 4.48
C SER A 72 3.00 6.14 3.03
N ILE A 73 2.40 6.78 2.03
CA ILE A 73 2.71 6.34 0.66
C ILE A 73 3.90 7.08 0.09
N PHE A 74 4.44 8.05 0.81
CA PHE A 74 5.58 8.85 0.39
C PHE A 74 6.86 8.34 1.03
N SER A 75 7.93 8.22 0.24
CA SER A 75 9.20 7.76 0.78
C SER A 75 9.85 8.79 1.71
N LYS A 76 9.47 10.05 1.59
CA LYS A 76 9.93 11.09 2.49
C LYS A 76 8.82 12.12 2.58
N TYR A 77 8.55 12.58 3.80
CA TYR A 77 7.41 13.46 4.06
C TYR A 77 7.81 14.45 5.15
N GLU A 78 8.10 15.69 4.76
N GLU A 78 8.08 15.70 4.77
CA GLU A 78 8.57 16.74 5.67
CA GLU A 78 8.56 16.74 5.66
C GLU A 78 7.64 17.94 5.53
C GLU A 78 7.63 17.95 5.53
N VAL A 79 6.66 18.05 6.42
CA VAL A 79 5.69 19.14 6.40
C VAL A 79 5.79 19.82 7.75
N GLU A 80 6.11 21.10 7.75
CA GLU A 80 6.35 21.76 9.02
C GLU A 80 5.06 22.26 9.66
N GLU A 81 4.19 22.88 8.87
CA GLU A 81 2.89 23.29 9.35
C GLU A 81 1.85 23.10 8.28
N PRO A 82 0.60 22.81 8.64
CA PRO A 82 -0.44 22.66 7.65
C PRO A 82 -0.54 23.90 6.76
N GLU A 83 -0.78 23.68 5.48
CA GLU A 83 -1.09 24.76 4.56
C GLU A 83 -1.82 24.20 3.34
N THR A 84 -2.46 25.10 2.63
CA THR A 84 -3.19 24.78 1.40
C THR A 84 -2.49 25.48 0.25
N ILE A 85 -2.38 24.79 -0.88
CA ILE A 85 -1.87 25.39 -2.11
C ILE A 85 -2.90 25.15 -3.21
N GLY A 86 -2.97 26.09 -4.14
CA GLY A 86 -3.88 26.01 -5.26
C GLY A 86 -3.09 25.71 -6.50
N ILE A 87 -3.64 24.82 -7.33
CA ILE A 87 -2.89 24.31 -8.48
C ILE A 87 -3.78 24.29 -9.71
N ASN A 88 -3.28 24.81 -10.82
CA ASN A 88 -3.82 24.57 -12.15
C ASN A 88 -3.59 23.10 -12.53
N MET A 89 -4.67 22.32 -12.58
CA MET A 89 -4.53 20.87 -12.76
C MET A 89 -4.00 20.49 -14.14
N ASP A 90 -4.29 21.27 -15.18
CA ASP A 90 -3.79 20.89 -16.50
C ASP A 90 -2.32 21.25 -16.67
N HIS A 91 -1.88 22.37 -16.08
N HIS A 91 -1.90 22.36 -16.06
CA HIS A 91 -0.45 22.63 -16.02
CA HIS A 91 -0.48 22.66 -16.00
C HIS A 91 0.26 21.56 -15.20
C HIS A 91 0.27 21.62 -15.17
N PHE A 92 -0.30 21.22 -14.03
CA PHE A 92 0.29 20.19 -13.19
C PHE A 92 0.43 18.87 -13.93
N LYS A 93 -0.66 18.42 -14.56
CA LYS A 93 -0.63 17.17 -15.33
C LYS A 93 0.38 17.24 -16.47
N LYS A 94 0.50 18.40 -17.14
CA LYS A 94 1.47 18.53 -18.22
C LYS A 94 2.90 18.30 -17.72
N ILE A 95 3.25 18.88 -16.56
CA ILE A 95 4.58 18.64 -16.03
C ILE A 95 4.75 17.20 -15.58
N LEU A 96 3.74 16.65 -14.88
CA LEU A 96 3.86 15.32 -14.29
C LEU A 96 3.96 14.25 -15.37
N LYS A 97 3.36 14.51 -16.53
CA LYS A 97 3.47 13.59 -17.66
C LYS A 97 4.91 13.41 -18.16
N ARG A 98 5.83 14.31 -17.79
CA ARG A 98 7.23 14.15 -18.15
C ARG A 98 8.00 13.17 -17.27
N GLY A 99 7.44 12.74 -16.13
CA GLY A 99 8.15 11.83 -15.24
C GLY A 99 8.18 10.40 -15.78
N LYS A 100 9.29 9.72 -15.53
CA LYS A 100 9.45 8.37 -16.01
C LYS A 100 9.05 7.38 -14.93
N SER A 101 8.88 6.13 -15.35
CA SER A 101 8.41 5.10 -14.45
C SER A 101 9.36 4.93 -13.27
N LYS A 102 10.66 4.98 -13.52
CA LYS A 102 11.66 4.73 -12.50
C LYS A 102 12.07 5.99 -11.76
N ASP A 103 11.55 7.15 -12.17
CA ASP A 103 11.92 8.41 -11.55
C ASP A 103 11.39 8.49 -10.13
N THR A 104 12.15 9.18 -9.28
CA THR A 104 11.64 9.63 -8.01
C THR A 104 11.06 11.03 -8.19
N LEU A 105 9.87 11.28 -7.64
CA LEU A 105 9.24 12.57 -7.74
C LEU A 105 9.40 13.32 -6.42
N ILE A 106 9.82 14.58 -6.51
CA ILE A 106 10.02 15.46 -5.35
C ILE A 106 9.16 16.70 -5.55
N LEU A 107 8.26 16.95 -4.60
CA LEU A 107 7.48 18.17 -4.56
C LEU A 107 8.00 18.99 -3.41
N ARG A 108 8.42 20.21 -3.69
CA ARG A 108 9.06 21.00 -2.66
C ARG A 108 8.58 22.42 -2.78
N LYS A 109 8.17 23.01 -1.67
CA LYS A 109 7.87 24.43 -1.60
C LYS A 109 8.87 25.08 -0.67
N GLY A 110 9.50 26.14 -1.15
CA GLY A 110 10.31 27.01 -0.32
C GLY A 110 9.47 28.16 0.19
N ASP A 111 10.10 29.32 0.27
CA ASP A 111 9.40 30.47 0.84
C ASP A 111 8.49 31.15 -0.16
N GLU A 112 8.74 30.98 -1.46
CA GLU A 112 8.03 31.71 -2.49
C GLU A 112 6.71 31.02 -2.87
N ASN A 113 6.04 31.56 -3.88
CA ASN A 113 4.71 31.13 -4.30
C ASN A 113 4.78 30.24 -5.55
N PHE A 114 5.58 29.18 -5.46
CA PHE A 114 5.62 28.23 -6.56
C PHE A 114 6.01 26.86 -6.01
N LEU A 115 5.57 25.85 -6.74
CA LEU A 115 5.90 24.47 -6.41
C LEU A 115 7.12 24.08 -7.22
N GLU A 116 8.13 23.52 -6.57
CA GLU A 116 9.27 22.98 -7.29
C GLU A 116 9.05 21.48 -7.46
N ILE A 117 9.03 21.04 -8.71
CA ILE A 117 8.76 19.65 -9.07
C ILE A 117 10.02 19.10 -9.69
N THR A 118 10.58 18.06 -9.07
CA THR A 118 11.84 17.49 -9.50
C THR A 118 11.62 16.02 -9.81
N PHE A 119 12.13 15.57 -10.96
CA PHE A 119 12.24 14.15 -11.28
C PHE A 119 13.70 13.74 -11.18
N GLU A 120 13.97 12.71 -10.38
CA GLU A 120 15.33 12.24 -10.19
C GLU A 120 15.42 10.82 -10.71
N GLY A 121 16.27 10.62 -11.71
CA GLY A 121 16.45 9.31 -12.31
C GLY A 121 17.81 9.29 -12.98
N THR A 122 17.84 9.03 -14.29
CA THR A 122 19.10 9.12 -15.00
C THR A 122 19.64 10.54 -14.99
N ALA A 123 18.81 11.53 -14.68
CA ALA A 123 19.18 12.93 -14.58
C ALA A 123 18.23 13.58 -13.59
N LYS A 124 18.60 14.77 -13.13
CA LYS A 124 17.78 15.58 -12.24
C LYS A 124 17.10 16.67 -13.08
N ARG A 125 15.78 16.60 -13.21
CA ARG A 125 15.02 17.61 -13.95
C ARG A 125 14.06 18.32 -13.00
N THR A 126 14.11 19.64 -13.01
CA THR A 126 13.38 20.47 -12.06
C THR A 126 12.51 21.47 -12.83
N PHE A 127 11.21 21.45 -12.55
CA PHE A 127 10.27 22.43 -13.03
C PHE A 127 9.77 23.27 -11.86
N ARG A 128 9.46 24.53 -12.15
CA ARG A 128 8.77 25.38 -11.20
C ARG A 128 7.38 25.64 -11.71
N LEU A 129 6.37 25.37 -10.87
CA LEU A 129 4.98 25.54 -11.21
C LEU A 129 4.42 26.67 -10.37
N PRO A 130 3.91 27.74 -10.97
CA PRO A 130 3.32 28.83 -10.18
C PRO A 130 2.08 28.35 -9.46
N LEU A 131 2.00 28.67 -8.17
CA LEU A 131 0.82 28.37 -7.39
C LEU A 131 -0.25 29.43 -7.61
N ILE A 132 -1.50 28.99 -7.65
CA ILE A 132 -2.61 29.91 -7.89
C ILE A 132 -3.51 29.95 -6.65
N ASP A 133 -4.54 30.78 -6.70
CA ASP A 133 -5.52 30.87 -5.63
C ASP A 133 -6.80 30.18 -6.11
N VAL A 134 -7.27 29.22 -5.33
CA VAL A 134 -8.45 28.44 -5.69
C VAL A 134 -9.53 28.78 -4.69
N GLU A 135 -10.68 29.24 -5.18
CA GLU A 135 -11.82 29.51 -4.33
C GLU A 135 -12.22 28.22 -3.63
N GLU A 136 -12.28 28.28 -2.30
CA GLU A 136 -12.59 27.11 -1.50
C GLU A 136 -14.07 27.12 -1.19
N LEU A 137 -14.84 26.44 -2.04
CA LEU A 137 -16.15 25.95 -1.63
C LEU A 137 -15.96 25.09 -0.39
N GLU A 138 -16.87 25.23 0.57
CA GLU A 138 -16.75 24.43 1.80
C GLU A 138 -17.40 23.08 1.52
N LEU A 139 -16.58 22.17 1.01
CA LEU A 139 -17.03 20.86 0.57
C LEU A 139 -16.77 19.84 1.67
N GLU A 140 -17.82 19.14 2.06
CA GLU A 140 -17.68 17.97 2.92
C GLU A 140 -18.18 16.75 2.17
N LEU A 141 -17.73 15.58 2.61
CA LEU A 141 -18.22 14.32 2.08
C LEU A 141 -19.20 13.73 3.09
N PRO A 142 -20.48 14.14 3.05
CA PRO A 142 -21.41 13.69 4.10
C PRO A 142 -21.65 12.20 4.03
N GLU A 143 -22.25 11.68 5.10
CA GLU A 143 -22.67 10.28 5.13
C GLU A 143 -24.09 10.18 4.56
N LEU A 144 -24.28 9.22 3.65
CA LEU A 144 -25.52 9.05 2.93
C LEU A 144 -26.11 7.66 3.18
N PRO A 145 -27.42 7.54 3.25
CA PRO A 145 -28.03 6.22 3.52
C PRO A 145 -28.04 5.33 2.27
N PHE A 146 -26.84 4.92 1.84
CA PHE A 146 -26.71 3.98 0.74
C PHE A 146 -27.36 2.67 1.10
N THR A 147 -28.01 2.03 0.12
CA THR A 147 -28.60 0.71 0.32
C THR A 147 -27.94 -0.38 -0.51
N ALA A 148 -26.90 -0.07 -1.29
CA ALA A 148 -26.22 -1.10 -2.06
C ALA A 148 -24.73 -0.78 -2.12
N LYS A 149 -23.92 -1.80 -1.92
CA LYS A 149 -22.49 -1.72 -2.12
C LYS A 149 -22.07 -2.82 -3.09
N VAL A 150 -21.21 -2.46 -4.04
CA VAL A 150 -20.75 -3.35 -5.11
C VAL A 150 -19.24 -3.17 -5.24
N VAL A 151 -18.48 -4.26 -5.18
CA VAL A 151 -17.05 -4.22 -5.50
C VAL A 151 -16.86 -4.95 -6.82
N LEU A 152 -16.17 -4.31 -7.76
CA LEU A 152 -16.02 -4.96 -9.06
C LEU A 152 -14.70 -4.57 -9.70
N LEU A 153 -14.28 -5.42 -10.63
CA LEU A 153 -13.08 -5.14 -11.41
C LEU A 153 -13.29 -3.94 -12.31
N GLY A 154 -12.27 -3.09 -12.38
CA GLY A 154 -12.34 -1.89 -13.17
C GLY A 154 -12.74 -2.15 -14.62
N GLU A 155 -12.24 -3.25 -15.18
N GLU A 155 -12.24 -3.24 -15.20
CA GLU A 155 -12.47 -3.55 -16.59
CA GLU A 155 -12.52 -3.43 -16.62
C GLU A 155 -13.97 -3.76 -16.87
C GLU A 155 -13.99 -3.74 -16.88
N VAL A 156 -14.68 -4.40 -15.94
CA VAL A 156 -16.12 -4.58 -16.11
C VAL A 156 -16.82 -3.23 -16.14
N LEU A 157 -16.49 -2.36 -15.18
CA LEU A 157 -17.07 -1.03 -15.11
C LEU A 157 -16.74 -0.22 -16.36
N LYS A 158 -15.46 -0.20 -16.75
CA LYS A 158 -15.06 0.54 -17.94
C LYS A 158 -15.79 0.03 -19.19
N GLU A 159 -15.82 -1.29 -19.38
CA GLU A 159 -16.46 -1.80 -20.60
C GLU A 159 -17.96 -1.57 -20.58
N ALA A 160 -18.59 -1.59 -19.40
CA ALA A 160 -20.02 -1.36 -19.34
C ALA A 160 -20.37 0.07 -19.71
N ILE A 161 -19.55 1.01 -19.28
CA ILE A 161 -19.83 2.40 -19.61
C ILE A 161 -19.60 2.63 -21.08
N LYS A 162 -18.57 1.99 -21.66
CA LYS A 162 -18.35 2.11 -23.09
C LYS A 162 -19.46 1.42 -23.88
N ASP A 163 -19.84 0.21 -23.46
CA ASP A 163 -20.96 -0.48 -24.10
C ASP A 163 -22.22 0.38 -24.09
N ALA A 164 -22.52 1.01 -22.94
CA ALA A 164 -23.75 1.78 -22.82
C ALA A 164 -23.74 3.01 -23.70
N SER A 165 -22.55 3.58 -23.91
CA SER A 165 -22.42 4.79 -24.72
C SER A 165 -22.76 4.54 -26.18
N LEU A 166 -22.71 3.29 -26.63
CA LEU A 166 -23.21 2.94 -27.97
C LEU A 166 -24.71 3.11 -28.08
N VAL A 167 -25.40 3.32 -26.97
CA VAL A 167 -26.86 3.14 -26.94
C VAL A 167 -27.59 4.38 -26.41
N SER A 168 -26.98 5.10 -25.48
CA SER A 168 -27.72 6.07 -24.67
C SER A 168 -26.74 7.02 -24.03
N ASP A 169 -27.27 8.00 -23.30
CA ASP A 169 -26.45 8.90 -22.50
C ASP A 169 -26.68 8.70 -21.00
N SER A 170 -27.51 7.75 -20.61
CA SER A 170 -27.65 7.45 -19.20
C SER A 170 -27.59 5.95 -18.97
N LEU A 171 -27.13 5.58 -17.79
CA LEU A 171 -26.88 4.20 -17.43
C LEU A 171 -27.62 3.92 -16.13
N LYS A 172 -28.51 2.94 -16.15
CA LYS A 172 -29.26 2.57 -14.95
C LYS A 172 -28.48 1.52 -14.16
N PHE A 173 -28.36 1.73 -12.86
CA PHE A 173 -27.75 0.77 -11.95
C PHE A 173 -28.88 0.07 -11.17
N ILE A 174 -28.87 -1.26 -11.18
CA ILE A 174 -29.90 -2.06 -10.51
C ILE A 174 -29.21 -3.09 -9.64
N ALA A 175 -29.37 -2.97 -8.33
CA ALA A 175 -28.81 -3.92 -7.38
C ALA A 175 -29.93 -4.73 -6.74
N LYS A 176 -29.87 -6.04 -6.88
CA LYS A 176 -30.72 -6.95 -6.13
C LYS A 176 -29.83 -7.82 -5.26
N GLU A 177 -30.48 -8.61 -4.40
CA GLU A 177 -29.76 -9.42 -3.41
C GLU A 177 -28.67 -10.25 -4.06
N ASP A 178 -28.94 -10.77 -5.26
CA ASP A 178 -28.05 -11.73 -5.91
C ASP A 178 -27.42 -11.23 -7.20
N GLU A 179 -27.81 -10.08 -7.73
CA GLU A 179 -27.27 -9.63 -9.00
C GLU A 179 -27.16 -8.11 -9.05
N PHE A 180 -26.13 -7.64 -9.73
CA PHE A 180 -25.97 -6.24 -10.04
C PHE A 180 -26.12 -6.10 -11.55
N THR A 181 -26.97 -5.17 -11.97
CA THR A 181 -27.26 -5.00 -13.39
C THR A 181 -27.04 -3.54 -13.75
N MET A 182 -26.30 -3.31 -14.84
CA MET A 182 -26.24 -2.00 -15.48
C MET A 182 -26.93 -2.09 -16.83
N LYS A 183 -27.83 -1.16 -17.10
CA LYS A 183 -28.71 -1.25 -18.26
C LYS A 183 -28.84 0.12 -18.92
N ALA A 184 -28.73 0.14 -20.23
CA ALA A 184 -28.92 1.34 -21.04
C ALA A 184 -29.82 0.98 -22.21
N GLU A 185 -30.73 1.88 -22.57
CA GLU A 185 -31.55 1.63 -23.75
C GLU A 185 -31.73 2.91 -24.55
N GLY A 186 -31.66 2.76 -25.86
CA GLY A 186 -31.93 3.84 -26.78
C GLY A 186 -32.99 3.40 -27.77
N GLU A 187 -33.19 4.18 -28.83
CA GLU A 187 -34.19 3.81 -29.83
C GLU A 187 -33.73 2.58 -30.62
N THR A 188 -32.56 2.67 -31.26
CA THR A 188 -32.11 1.65 -32.20
C THR A 188 -31.15 0.64 -31.57
N ASN A 189 -31.22 0.45 -30.25
CA ASN A 189 -30.29 -0.43 -29.54
C ASN A 189 -30.75 -0.62 -28.09
N GLU A 190 -30.15 -1.60 -27.43
CA GLU A 190 -30.25 -1.75 -25.98
C GLU A 190 -29.08 -2.61 -25.53
N VAL A 191 -28.62 -2.38 -24.30
CA VAL A 191 -27.50 -3.13 -23.74
C VAL A 191 -27.74 -3.35 -22.26
N GLU A 192 -27.37 -4.54 -21.78
CA GLU A 192 -27.50 -4.93 -20.39
C GLU A 192 -26.24 -5.65 -19.95
N ILE A 193 -25.67 -5.24 -18.81
CA ILE A 193 -24.48 -5.88 -18.24
C ILE A 193 -24.88 -6.44 -16.89
N LYS A 194 -24.70 -7.73 -16.71
CA LYS A 194 -25.20 -8.41 -15.53
C LYS A 194 -24.06 -9.10 -14.81
N LEU A 195 -24.06 -8.97 -13.49
CA LEU A 195 -23.05 -9.58 -12.63
C LEU A 195 -23.76 -10.34 -11.51
N THR A 196 -23.29 -11.56 -11.26
CA THR A 196 -23.58 -12.29 -10.03
C THR A 196 -22.24 -12.65 -9.40
N LEU A 197 -22.28 -13.09 -8.14
CA LEU A 197 -21.04 -13.47 -7.46
C LEU A 197 -20.37 -14.68 -8.10
N GLU A 198 -21.10 -15.43 -8.92
CA GLU A 198 -20.49 -16.46 -9.75
C GLU A 198 -19.51 -15.89 -10.77
N ASP A 199 -19.58 -14.59 -11.06
CA ASP A 199 -18.76 -14.00 -12.09
C ASP A 199 -17.48 -13.43 -11.50
N GLU A 200 -16.39 -13.56 -12.26
CA GLU A 200 -15.10 -13.07 -11.79
C GLU A 200 -15.07 -11.54 -11.69
N GLY A 201 -15.95 -10.85 -12.42
CA GLY A 201 -15.93 -9.39 -12.39
C GLY A 201 -16.47 -8.79 -11.10
N LEU A 202 -17.24 -9.55 -10.33
CA LEU A 202 -17.94 -9.08 -9.13
C LEU A 202 -17.25 -9.66 -7.90
N LEU A 203 -16.54 -8.82 -7.14
CA LEU A 203 -15.79 -9.33 -5.99
C LEU A 203 -16.58 -9.30 -4.71
N ASP A 204 -17.69 -8.54 -4.67
CA ASP A 204 -18.50 -8.43 -3.47
C ASP A 204 -19.77 -7.70 -3.83
N LEU A 205 -20.86 -8.08 -3.17
CA LEU A 205 -22.17 -7.48 -3.42
C LEU A 205 -22.96 -7.52 -2.12
N GLU A 206 -23.28 -6.35 -1.58
CA GLU A 206 -24.07 -6.24 -0.35
C GLU A 206 -25.24 -5.32 -0.66
N VAL A 207 -26.45 -5.84 -0.55
CA VAL A 207 -27.66 -5.14 -0.96
C VAL A 207 -28.66 -5.22 0.18
N GLU A 208 -28.91 -4.09 0.82
CA GLU A 208 -29.89 -4.04 1.90
C GLU A 208 -31.31 -4.14 1.37
N GLU A 209 -31.58 -3.55 0.20
CA GLU A 209 -32.89 -3.64 -0.43
C GLU A 209 -32.70 -3.38 -1.91
N GLU A 210 -33.75 -3.67 -2.70
CA GLU A 210 -33.66 -3.48 -4.14
C GLU A 210 -33.45 -2.00 -4.45
N THR A 211 -32.39 -1.71 -5.20
CA THR A 211 -31.91 -0.34 -5.41
C THR A 211 -31.79 -0.04 -6.89
N ARG A 212 -32.33 1.10 -7.31
CA ARG A 212 -32.37 1.51 -8.70
C ARG A 212 -32.01 2.98 -8.80
N SER A 213 -31.09 3.32 -9.71
CA SER A 213 -30.68 4.69 -9.88
C SER A 213 -30.03 4.82 -11.26
N ALA A 214 -30.05 6.03 -11.81
CA ALA A 214 -29.46 6.25 -13.13
C ALA A 214 -28.47 7.40 -13.07
N TYR A 215 -27.48 7.36 -13.97
CA TYR A 215 -26.34 8.27 -13.95
C TYR A 215 -25.91 8.61 -15.36
N GLY A 216 -25.36 9.81 -15.51
CA GLY A 216 -24.96 10.30 -16.82
C GLY A 216 -23.68 9.62 -17.27
N ILE A 217 -23.69 9.14 -18.53
CA ILE A 217 -22.57 8.37 -19.04
C ILE A 217 -21.36 9.26 -19.29
N SER A 218 -21.56 10.51 -19.70
CA SER A 218 -20.41 11.37 -19.97
C SER A 218 -19.59 11.61 -18.69
N TYR A 219 -20.26 11.73 -17.55
CA TYR A 219 -19.55 11.86 -16.27
C TYR A 219 -18.90 10.54 -15.87
N LEU A 220 -19.62 9.43 -16.01
CA LEU A 220 -19.06 8.12 -15.66
C LEU A 220 -17.81 7.80 -16.48
N ALA A 221 -17.84 8.11 -17.77
CA ALA A 221 -16.67 7.86 -18.61
C ALA A 221 -15.47 8.66 -18.12
N ASP A 222 -15.67 9.93 -17.78
CA ASP A 222 -14.57 10.74 -17.26
C ASP A 222 -14.11 10.24 -15.89
N MET A 223 -15.02 9.71 -15.08
CA MET A 223 -14.63 9.18 -13.77
C MET A 223 -13.73 7.94 -13.91
N VAL A 224 -14.04 7.04 -14.84
CA VAL A 224 -13.34 5.76 -14.89
C VAL A 224 -12.21 5.75 -15.91
N LYS A 225 -12.02 6.83 -16.66
CA LYS A 225 -11.06 6.80 -17.77
C LYS A 225 -9.67 6.39 -17.29
N GLY A 226 -9.22 6.94 -16.16
CA GLY A 226 -7.90 6.62 -15.64
C GLY A 226 -7.83 5.39 -14.76
N ILE A 227 -8.96 4.76 -14.43
CA ILE A 227 -8.94 3.57 -13.59
C ILE A 227 -8.38 2.39 -14.38
N GLY A 228 -7.60 1.54 -13.70
CA GLY A 228 -6.98 0.40 -14.37
C GLY A 228 -7.89 -0.80 -14.44
N LYS A 229 -7.62 -1.66 -15.44
CA LYS A 229 -8.48 -2.81 -15.68
C LYS A 229 -8.48 -3.78 -14.50
N ALA A 230 -7.39 -3.84 -13.74
CA ALA A 230 -7.32 -4.75 -12.60
C ALA A 230 -7.64 -4.06 -11.28
N ASP A 231 -7.89 -2.75 -11.31
CA ASP A 231 -8.22 -2.05 -10.08
C ASP A 231 -9.54 -2.58 -9.52
N GLU A 232 -9.63 -2.63 -8.21
CA GLU A 232 -10.89 -2.93 -7.53
C GLU A 232 -11.60 -1.61 -7.24
N VAL A 233 -12.85 -1.51 -7.68
CA VAL A 233 -13.64 -0.31 -7.53
C VAL A 233 -14.84 -0.63 -6.67
N THR A 234 -15.07 0.19 -5.66
CA THR A 234 -16.24 0.07 -4.81
C THR A 234 -17.27 1.12 -5.24
N LEU A 235 -18.51 0.66 -5.45
CA LEU A 235 -19.63 1.52 -5.75
C LEU A 235 -20.63 1.45 -4.60
N ARG A 236 -21.11 2.60 -4.14
CA ARG A 236 -22.20 2.67 -3.19
C ARG A 236 -23.24 3.61 -3.77
N PHE A 237 -24.49 3.18 -3.78
CA PHE A 237 -25.55 4.02 -4.29
C PHE A 237 -26.84 3.67 -3.57
N GLY A 238 -27.88 4.43 -3.88
CA GLY A 238 -29.20 4.21 -3.35
C GLY A 238 -30.19 4.65 -4.40
N THR A 239 -31.45 4.34 -4.15
CA THR A 239 -32.50 4.76 -5.07
C THR A 239 -32.56 6.28 -5.13
N GLU A 240 -32.43 6.81 -6.34
CA GLU A 240 -32.44 8.26 -6.60
C GLU A 240 -31.39 9.02 -5.80
N MET A 241 -30.32 8.34 -5.39
CA MET A 241 -29.27 8.94 -4.59
C MET A 241 -27.98 9.09 -5.42
N PRO A 242 -27.02 9.86 -4.94
CA PRO A 242 -25.71 9.93 -5.61
C PRO A 242 -25.04 8.56 -5.68
N LEU A 243 -24.12 8.43 -6.62
CA LEU A 243 -23.23 7.27 -6.72
C LEU A 243 -21.89 7.63 -6.12
N GLN A 244 -21.42 6.82 -5.18
CA GLN A 244 -20.09 6.95 -4.63
C GLN A 244 -19.20 5.87 -5.22
N MET A 245 -18.04 6.29 -5.71
CA MET A 245 -17.14 5.40 -6.42
C MET A 245 -15.76 5.68 -5.85
N ASP A 246 -15.10 4.66 -5.31
CA ASP A 246 -13.74 4.88 -4.86
C ASP A 246 -12.85 3.71 -5.23
N TYR A 247 -11.55 3.99 -5.33
CA TYR A 247 -10.58 2.92 -5.38
C TYR A 247 -9.32 3.39 -4.67
N PHE A 248 -8.50 2.42 -4.31
CA PHE A 248 -7.38 2.67 -3.41
C PHE A 248 -6.09 2.83 -4.19
N ILE A 249 -5.25 3.72 -3.69
CA ILE A 249 -3.96 4.05 -4.28
C ILE A 249 -2.89 3.51 -3.33
N ARG A 250 -2.07 2.58 -3.80
CA ARG A 250 -0.98 2.05 -2.99
C ARG A 250 -1.53 1.56 -1.64
N ASP A 251 -2.61 0.80 -1.72
CA ASP A 251 -3.30 0.25 -0.55
C ASP A 251 -3.89 1.33 0.38
N GLU A 252 -3.15 2.42 0.64
CA GLU A 252 -3.61 3.35 1.66
C GLU A 252 -4.11 4.69 1.14
N GLY A 253 -3.77 5.09 -0.08
CA GLY A 253 -4.39 6.28 -0.64
C GLY A 253 -5.78 5.99 -1.15
N LYS A 254 -6.57 7.03 -1.36
CA LYS A 254 -7.92 6.75 -1.82
C LYS A 254 -8.45 7.88 -2.70
N LEU A 255 -9.02 7.51 -3.83
CA LEU A 255 -9.72 8.43 -4.70
C LEU A 255 -11.20 8.10 -4.65
N THR A 256 -12.03 9.11 -4.33
CA THR A 256 -13.48 8.98 -4.23
C THR A 256 -14.15 9.98 -5.15
N PHE A 257 -15.10 9.51 -5.95
CA PHE A 257 -16.00 10.35 -6.70
C PHE A 257 -17.37 10.23 -6.10
N LEU A 258 -18.12 11.33 -6.08
CA LEU A 258 -19.53 11.33 -5.70
C LEU A 258 -20.30 12.00 -6.83
N LEU A 259 -21.23 11.27 -7.44
CA LEU A 259 -21.86 11.67 -8.68
C LEU A 259 -23.36 11.82 -8.49
N ALA A 260 -23.89 13.00 -8.83
CA ALA A 260 -25.30 13.26 -8.67
C ALA A 260 -26.11 12.33 -9.58
N PRO A 261 -27.28 11.88 -9.14
CA PRO A 261 -28.09 11.02 -10.00
C PRO A 261 -28.72 11.80 -11.15
N ARG A 262 -29.08 11.05 -12.18
CA ARG A 262 -29.85 11.52 -13.33
C ARG A 262 -31.33 11.44 -12.98
N VAL A 263 -31.94 12.57 -12.66
CA VAL A 263 -33.37 12.60 -12.35
C VAL A 263 -34.02 13.77 -13.08
N MET B 17 -9.41 -26.59 -4.77
CA MET B 17 -8.04 -26.40 -4.34
C MET B 17 -7.84 -26.33 -2.81
N PRO B 18 -8.38 -27.29 -2.05
CA PRO B 18 -8.18 -27.24 -0.60
C PRO B 18 -6.73 -27.45 -0.23
N PHE B 19 -6.30 -26.81 0.85
CA PHE B 19 -5.06 -27.17 1.53
C PHE B 19 -5.32 -27.21 3.03
N GLU B 20 -4.37 -27.78 3.76
CA GLU B 20 -4.45 -27.84 5.21
C GLU B 20 -3.02 -27.80 5.76
N ILE B 21 -2.72 -26.73 6.50
CA ILE B 21 -1.39 -26.41 6.99
C ILE B 21 -1.51 -26.22 8.49
N VAL B 22 -0.67 -26.91 9.26
CA VAL B 22 -0.78 -26.92 10.73
C VAL B 22 0.56 -26.49 11.33
N PHE B 23 0.50 -25.58 12.31
CA PHE B 23 1.66 -25.01 12.97
C PHE B 23 1.45 -25.09 14.48
N ASP B 24 2.39 -25.70 15.18
CA ASP B 24 2.33 -25.85 16.64
C ASP B 24 2.92 -24.59 17.29
N GLY B 25 2.08 -23.88 18.05
CA GLY B 25 2.50 -22.60 18.62
C GLY B 25 1.88 -21.41 17.88
N ALA B 26 0.57 -21.22 18.03
CA ALA B 26 -0.11 -20.14 17.31
C ALA B 26 0.48 -18.78 17.63
N LYS B 27 0.91 -18.56 18.89
CA LYS B 27 1.44 -17.24 19.26
C LYS B 27 2.75 -16.94 18.53
N GLU B 28 3.56 -17.97 18.29
CA GLU B 28 4.80 -17.76 17.57
C GLU B 28 4.54 -17.41 16.10
N PHE B 29 3.50 -17.99 15.51
CA PHE B 29 3.20 -17.68 14.11
C PHE B 29 2.60 -16.27 13.98
N ALA B 30 1.75 -15.88 14.94
CA ALA B 30 1.23 -14.51 14.96
C ALA B 30 2.35 -13.48 15.06
N ASP B 31 3.41 -13.78 15.81
CA ASP B 31 4.53 -12.83 15.91
C ASP B 31 5.25 -12.67 14.58
N LEU B 32 5.47 -13.76 13.84
CA LEU B 32 6.01 -13.66 12.48
C LEU B 32 5.19 -12.72 11.64
N ILE B 33 3.89 -13.01 11.54
CA ILE B 33 3.03 -12.23 10.67
C ILE B 33 2.99 -10.78 11.14
N ALA B 34 3.02 -10.55 12.45
CA ALA B 34 2.96 -9.17 12.95
C ALA B 34 4.17 -8.36 12.49
N THR B 35 5.37 -8.96 12.50
CA THR B 35 6.51 -8.26 11.93
C THR B 35 6.24 -7.80 10.50
N ALA B 36 5.82 -8.72 9.64
CA ALA B 36 5.48 -8.38 8.25
C ALA B 36 4.38 -7.33 8.18
N SER B 37 3.33 -7.53 8.98
CA SER B 37 2.23 -6.57 9.00
C SER B 37 2.68 -5.15 9.32
N ASN B 38 3.83 -4.97 9.99
CA ASN B 38 4.20 -3.62 10.41
C ASN B 38 4.41 -2.71 9.20
N LEU B 39 4.80 -3.26 8.06
CA LEU B 39 5.08 -2.46 6.87
C LEU B 39 4.14 -2.72 5.71
N ILE B 40 3.54 -3.90 5.66
CA ILE B 40 2.71 -4.36 4.55
C ILE B 40 1.25 -4.24 4.97
N ASP B 41 0.40 -3.87 4.02
CA ASP B 41 -1.04 -3.84 4.23
C ASP B 41 -1.74 -5.05 3.67
N GLU B 42 -1.22 -5.61 2.60
CA GLU B 42 -1.85 -6.74 1.96
C GLU B 42 -0.79 -7.46 1.16
N ALA B 43 -0.96 -8.77 1.03
CA ALA B 43 0.10 -9.61 0.51
C ALA B 43 -0.52 -10.78 -0.21
N ALA B 44 0.22 -11.33 -1.17
CA ALA B 44 -0.16 -12.56 -1.82
C ALA B 44 0.71 -13.67 -1.22
N PHE B 45 0.06 -14.70 -0.72
CA PHE B 45 0.77 -15.85 -0.16
C PHE B 45 0.73 -16.96 -1.18
N LYS B 46 1.91 -17.37 -1.64
CA LYS B 46 2.04 -18.44 -2.60
C LYS B 46 2.23 -19.73 -1.82
N ILE B 47 1.28 -20.65 -1.94
CA ILE B 47 1.31 -21.92 -1.25
C ILE B 47 1.61 -23.02 -2.26
N THR B 48 2.75 -23.66 -2.09
CA THR B 48 3.18 -24.76 -2.93
C THR B 48 3.47 -25.97 -2.05
N GLU B 49 3.80 -27.09 -2.68
CA GLU B 49 4.14 -28.28 -1.91
C GLU B 49 5.42 -28.09 -1.13
N GLU B 50 6.29 -27.16 -1.54
CA GLU B 50 7.56 -26.98 -0.83
C GLU B 50 7.39 -26.09 0.40
N GLY B 51 6.40 -25.22 0.41
CA GLY B 51 6.18 -24.34 1.53
C GLY B 51 5.33 -23.16 1.12
N VAL B 52 5.34 -22.15 1.99
CA VAL B 52 4.58 -20.93 1.80
C VAL B 52 5.58 -19.79 1.61
N SER B 53 5.33 -18.98 0.60
CA SER B 53 6.16 -17.82 0.34
C SER B 53 5.28 -16.60 0.20
N MET B 54 5.85 -15.44 0.52
CA MET B 54 5.14 -14.18 0.43
C MET B 54 6.15 -13.11 0.11
N ARG B 55 5.78 -12.25 -0.83
CA ARG B 55 6.64 -11.15 -1.24
C ARG B 55 5.78 -9.93 -1.51
N ALA B 56 6.12 -8.80 -0.87
CA ALA B 56 5.31 -7.58 -0.97
C ALA B 56 6.19 -6.37 -0.71
N MET B 57 5.63 -5.20 -1.04
CA MET B 57 6.24 -3.91 -0.74
C MET B 57 5.35 -3.11 0.19
N ASP B 58 5.99 -2.26 0.99
CA ASP B 58 5.24 -1.35 1.80
C ASP B 58 4.59 -0.30 0.89
N PRO B 59 3.59 0.44 1.39
CA PRO B 59 2.89 1.40 0.51
C PRO B 59 3.83 2.38 -0.18
N SER B 60 4.91 2.83 0.47
CA SER B 60 5.77 3.83 -0.13
C SER B 60 6.77 3.22 -1.12
N ARG B 61 6.77 1.90 -1.29
CA ARG B 61 7.67 1.21 -2.22
C ARG B 61 9.14 1.40 -1.83
N VAL B 62 9.41 1.53 -0.54
CA VAL B 62 10.75 1.70 -0.01
C VAL B 62 11.29 0.39 0.57
N VAL B 63 10.40 -0.48 1.02
CA VAL B 63 10.78 -1.72 1.68
C VAL B 63 10.16 -2.88 0.94
N LEU B 64 10.98 -3.88 0.65
CA LEU B 64 10.53 -5.16 0.13
C LEU B 64 10.60 -6.18 1.26
N ILE B 65 9.55 -6.96 1.40
CA ILE B 65 9.54 -8.03 2.39
C ILE B 65 9.42 -9.37 1.67
N ASP B 66 10.19 -10.34 2.15
CA ASP B 66 10.19 -11.68 1.60
C ASP B 66 10.16 -12.67 2.75
N LEU B 67 9.17 -13.54 2.74
CA LEU B 67 8.91 -14.46 3.83
C LEU B 67 8.83 -15.84 3.24
N ASN B 68 9.65 -16.77 3.74
CA ASN B 68 9.67 -18.13 3.24
C ASN B 68 9.49 -19.08 4.41
N LEU B 69 8.40 -19.84 4.40
CA LEU B 69 8.10 -20.85 5.43
C LEU B 69 8.06 -22.23 4.78
N PRO B 70 9.16 -22.97 4.80
CA PRO B 70 9.17 -24.31 4.20
C PRO B 70 8.27 -25.27 4.95
N GLU B 71 7.79 -26.29 4.24
CA GLU B 71 6.89 -27.29 4.83
C GLU B 71 7.48 -27.93 6.09
N SER B 72 8.81 -27.95 6.22
CA SER B 72 9.43 -28.61 7.36
C SER B 72 9.13 -27.92 8.71
N ILE B 73 8.64 -26.68 8.71
CA ILE B 73 8.32 -26.07 10.02
C ILE B 73 6.90 -26.38 10.46
N PHE B 74 6.11 -27.00 9.61
CA PHE B 74 4.71 -27.27 9.90
C PHE B 74 4.53 -28.72 10.35
N SER B 75 3.68 -28.92 11.36
CA SER B 75 3.48 -30.28 11.85
C SER B 75 2.61 -31.10 10.90
N LYS B 76 1.93 -30.45 9.99
CA LYS B 76 1.12 -31.12 8.97
C LYS B 76 1.02 -30.15 7.81
N TYR B 77 1.24 -30.66 6.61
CA TYR B 77 1.36 -29.79 5.44
C TYR B 77 0.83 -30.57 4.23
N GLU B 78 -0.39 -30.27 3.82
CA GLU B 78 -1.06 -31.01 2.75
C GLU B 78 -1.59 -30.00 1.73
N VAL B 79 -0.88 -29.86 0.63
CA VAL B 79 -1.23 -28.96 -0.45
C VAL B 79 -1.55 -29.83 -1.65
N GLU B 80 -2.84 -30.08 -1.89
CA GLU B 80 -3.24 -30.86 -3.05
C GLU B 80 -2.95 -30.12 -4.35
N GLU B 81 -3.05 -28.78 -4.36
CA GLU B 81 -2.79 -28.02 -5.56
C GLU B 81 -2.24 -26.64 -5.26
N PRO B 82 -1.09 -26.27 -5.82
CA PRO B 82 -0.53 -24.94 -5.58
C PRO B 82 -1.49 -23.82 -5.94
N GLU B 83 -1.48 -22.75 -5.13
CA GLU B 83 -2.33 -21.61 -5.39
C GLU B 83 -1.83 -20.41 -4.61
N THR B 84 -2.29 -19.23 -5.01
CA THR B 84 -1.89 -17.96 -4.42
C THR B 84 -3.12 -17.24 -3.90
N ILE B 85 -3.10 -16.84 -2.63
CA ILE B 85 -4.26 -16.20 -2.02
C ILE B 85 -3.85 -14.82 -1.52
N GLY B 86 -4.78 -13.88 -1.60
CA GLY B 86 -4.53 -12.52 -1.18
C GLY B 86 -5.14 -12.32 0.19
N ILE B 87 -4.45 -11.57 1.03
CA ILE B 87 -4.86 -11.43 2.42
C ILE B 87 -4.67 -9.99 2.87
N ASN B 88 -5.66 -9.46 3.57
CA ASN B 88 -5.50 -8.19 4.28
C ASN B 88 -4.66 -8.44 5.53
N MET B 89 -3.43 -7.90 5.53
CA MET B 89 -2.48 -8.23 6.58
C MET B 89 -2.97 -7.78 7.95
N ASP B 90 -3.71 -6.67 8.00
CA ASP B 90 -4.20 -6.17 9.27
C ASP B 90 -5.31 -7.05 9.84
N HIS B 91 -6.23 -7.51 8.99
N HIS B 91 -6.23 -7.51 8.98
CA HIS B 91 -7.27 -8.42 9.46
CA HIS B 91 -7.27 -8.42 9.45
C HIS B 91 -6.68 -9.77 9.86
C HIS B 91 -6.67 -9.76 9.86
N PHE B 92 -5.72 -10.26 9.07
CA PHE B 92 -5.03 -11.50 9.42
C PHE B 92 -4.35 -11.38 10.79
N LYS B 93 -3.57 -10.30 10.98
CA LYS B 93 -2.88 -10.07 12.25
C LYS B 93 -3.84 -10.04 13.44
N LYS B 94 -4.96 -9.35 13.32
CA LYS B 94 -5.86 -9.26 14.46
C LYS B 94 -6.49 -10.60 14.83
N ILE B 95 -6.77 -11.45 13.85
CA ILE B 95 -7.24 -12.79 14.18
C ILE B 95 -6.13 -13.61 14.80
N LEU B 96 -4.94 -13.57 14.20
CA LEU B 96 -3.83 -14.38 14.70
C LEU B 96 -3.42 -13.97 16.11
N LYS B 97 -3.60 -12.68 16.47
CA LYS B 97 -3.30 -12.24 17.83
C LYS B 97 -4.18 -12.89 18.89
N ARG B 98 -5.31 -13.49 18.50
CA ARG B 98 -6.13 -14.26 19.41
C ARG B 98 -5.53 -15.62 19.78
N GLY B 99 -4.48 -16.07 19.09
CA GLY B 99 -3.91 -17.39 19.38
C GLY B 99 -3.07 -17.36 20.66
N LYS B 100 -3.15 -18.44 21.43
CA LYS B 100 -2.38 -18.58 22.66
C LYS B 100 -1.09 -19.35 22.38
N SER B 101 -0.12 -19.19 23.29
CA SER B 101 1.21 -19.72 23.06
C SER B 101 1.22 -21.23 22.89
N LYS B 102 0.29 -21.94 23.52
CA LYS B 102 0.21 -23.38 23.40
C LYS B 102 -0.84 -23.86 22.39
N ASP B 103 -1.56 -22.94 21.74
CA ASP B 103 -2.52 -23.32 20.71
C ASP B 103 -1.83 -23.95 19.50
N THR B 104 -2.46 -24.95 18.92
CA THR B 104 -2.13 -25.37 17.57
C THR B 104 -2.88 -24.49 16.57
N LEU B 105 -2.19 -24.06 15.51
CA LEU B 105 -2.78 -23.24 14.45
C LEU B 105 -3.03 -24.09 13.22
N ILE B 106 -4.25 -24.06 12.71
CA ILE B 106 -4.61 -24.74 11.47
C ILE B 106 -5.06 -23.69 10.46
N LEU B 107 -4.40 -23.63 9.32
CA LEU B 107 -4.82 -22.81 8.21
C LEU B 107 -5.43 -23.73 7.16
N ARG B 108 -6.71 -23.53 6.88
CA ARG B 108 -7.45 -24.44 6.01
C ARG B 108 -8.25 -23.65 5.00
N LYS B 109 -8.27 -24.16 3.77
CA LYS B 109 -9.05 -23.57 2.68
C LYS B 109 -9.95 -24.65 2.10
N GLY B 110 -11.22 -24.35 1.95
CA GLY B 110 -12.18 -25.23 1.30
C GLY B 110 -12.38 -24.89 -0.15
N ASP B 111 -13.58 -25.19 -0.65
CA ASP B 111 -13.92 -24.87 -2.04
C ASP B 111 -14.17 -23.38 -2.21
N GLU B 112 -14.86 -22.77 -1.25
CA GLU B 112 -15.25 -21.37 -1.30
C GLU B 112 -14.04 -20.47 -1.06
N ASN B 113 -14.27 -19.16 -1.10
CA ASN B 113 -13.19 -18.19 -1.24
C ASN B 113 -12.88 -17.50 0.10
N PHE B 114 -12.56 -18.30 1.11
CA PHE B 114 -12.12 -17.74 2.38
C PHE B 114 -11.08 -18.65 3.02
N LEU B 115 -10.39 -18.09 4.01
CA LEU B 115 -9.39 -18.80 4.77
C LEU B 115 -9.99 -19.13 6.12
N GLU B 116 -9.92 -20.39 6.49
CA GLU B 116 -10.39 -20.85 7.79
C GLU B 116 -9.16 -20.93 8.71
N ILE B 117 -9.25 -20.25 9.84
CA ILE B 117 -8.15 -20.13 10.80
C ILE B 117 -8.64 -20.71 12.10
N THR B 118 -8.02 -21.82 12.54
CA THR B 118 -8.48 -22.53 13.72
C THR B 118 -7.38 -22.57 14.77
N PHE B 119 -7.73 -22.23 16.00
CA PHE B 119 -6.87 -22.43 17.16
C PHE B 119 -7.41 -23.61 17.94
N GLU B 120 -6.59 -24.64 18.11
CA GLU B 120 -6.96 -25.80 18.90
C GLU B 120 -6.11 -25.81 20.15
N GLY B 121 -6.78 -25.70 21.30
CA GLY B 121 -6.13 -25.67 22.59
C GLY B 121 -7.14 -26.14 23.63
N THR B 122 -7.47 -25.27 24.60
CA THR B 122 -8.50 -25.66 25.55
C THR B 122 -9.87 -25.69 24.90
N ALA B 123 -10.06 -24.98 23.78
CA ALA B 123 -11.25 -25.09 22.97
C ALA B 123 -10.82 -25.00 21.51
N LYS B 124 -11.77 -25.27 20.60
CA LYS B 124 -11.58 -25.11 19.17
C LYS B 124 -12.27 -23.82 18.71
N ARG B 125 -11.47 -22.84 18.30
CA ARG B 125 -11.99 -21.57 17.82
C ARG B 125 -11.64 -21.42 16.35
N THR B 126 -12.65 -21.16 15.53
CA THR B 126 -12.51 -21.10 14.08
C THR B 126 -12.98 -19.73 13.56
N PHE B 127 -12.09 -19.03 12.88
CA PHE B 127 -12.39 -17.77 12.22
C PHE B 127 -12.40 -17.98 10.72
N ARG B 128 -13.27 -17.27 10.02
CA ARG B 128 -13.29 -17.28 8.57
C ARG B 128 -12.89 -15.90 8.07
N LEU B 129 -11.81 -15.85 7.33
CA LEU B 129 -11.20 -14.62 6.85
C LEU B 129 -11.39 -14.55 5.34
N PRO B 130 -12.14 -13.58 4.82
CA PRO B 130 -12.36 -13.54 3.37
C PRO B 130 -11.06 -13.25 2.63
N LEU B 131 -10.82 -14.00 1.56
CA LEU B 131 -9.69 -13.71 0.69
C LEU B 131 -9.96 -12.49 -0.17
N ILE B 132 -8.90 -11.77 -0.50
CA ILE B 132 -8.99 -10.58 -1.32
C ILE B 132 -8.11 -10.77 -2.54
N ASP B 133 -8.25 -9.89 -3.51
CA ASP B 133 -7.38 -9.90 -4.67
C ASP B 133 -6.30 -8.86 -4.46
N VAL B 134 -5.06 -9.26 -4.65
CA VAL B 134 -3.91 -8.42 -4.34
C VAL B 134 -3.17 -8.12 -5.64
N GLU B 135 -3.01 -6.85 -5.94
CA GLU B 135 -2.20 -6.41 -7.07
C GLU B 135 -0.79 -6.95 -6.90
N GLU B 136 -0.36 -7.81 -7.83
CA GLU B 136 0.97 -8.39 -7.78
C GLU B 136 1.92 -7.61 -8.67
N LEU B 137 2.97 -7.05 -8.06
CA LEU B 137 3.96 -6.25 -8.76
C LEU B 137 5.06 -7.13 -9.35
N GLU B 138 6.04 -6.50 -9.97
CA GLU B 138 7.24 -7.17 -10.49
C GLU B 138 8.33 -7.02 -9.43
N LEU B 139 8.57 -8.08 -8.66
CA LEU B 139 9.42 -8.03 -7.47
C LEU B 139 10.56 -9.04 -7.62
N GLU B 140 11.59 -8.64 -8.36
CA GLU B 140 12.73 -9.49 -8.70
C GLU B 140 14.01 -8.85 -8.20
N LEU B 141 14.78 -9.59 -7.40
CA LEU B 141 16.00 -9.06 -6.84
C LEU B 141 17.11 -9.02 -7.90
N PRO B 142 17.99 -8.02 -7.86
CA PRO B 142 19.05 -7.91 -8.87
C PRO B 142 20.44 -8.31 -8.37
N GLU B 143 20.51 -9.28 -7.45
CA GLU B 143 21.78 -9.71 -6.84
C GLU B 143 22.64 -8.54 -6.43
N LEU B 144 22.35 -7.96 -5.28
CA LEU B 144 23.04 -6.72 -4.95
C LEU B 144 24.47 -6.99 -4.50
N PRO B 145 25.44 -6.14 -4.89
CA PRO B 145 26.87 -6.32 -4.52
C PRO B 145 27.20 -5.85 -3.10
N PHE B 146 26.81 -6.65 -2.12
CA PHE B 146 27.02 -6.32 -0.72
C PHE B 146 28.50 -6.44 -0.36
N THR B 147 29.05 -5.39 0.23
CA THR B 147 30.44 -5.41 0.70
C THR B 147 30.56 -5.69 2.19
N ALA B 148 29.45 -5.78 2.92
CA ALA B 148 29.51 -5.98 4.36
C ALA B 148 28.42 -6.93 4.80
N LYS B 149 28.75 -7.81 5.75
CA LYS B 149 27.77 -8.64 6.44
C LYS B 149 28.01 -8.51 7.93
N VAL B 150 26.92 -8.41 8.69
CA VAL B 150 26.96 -8.27 10.13
C VAL B 150 25.89 -9.17 10.73
N VAL B 151 26.26 -9.96 11.73
CA VAL B 151 25.31 -10.71 12.54
C VAL B 151 25.36 -10.16 13.95
N LEU B 152 24.20 -9.80 14.49
CA LEU B 152 24.17 -9.20 15.80
C LEU B 152 22.86 -9.60 16.49
N LEU B 153 22.85 -9.46 17.81
CA LEU B 153 21.66 -9.78 18.58
C LEU B 153 20.56 -8.76 18.31
N GLY B 154 19.32 -9.25 18.29
CA GLY B 154 18.21 -8.37 18.05
C GLY B 154 18.18 -7.18 19.00
N GLU B 155 18.50 -7.44 20.28
N GLU B 155 18.49 -7.41 20.29
CA GLU B 155 18.47 -6.41 21.31
CA GLU B 155 18.36 -6.30 21.23
C GLU B 155 19.36 -5.23 20.96
C GLU B 155 19.37 -5.19 20.96
N VAL B 156 20.54 -5.52 20.39
CA VAL B 156 21.48 -4.45 20.02
C VAL B 156 20.88 -3.59 18.91
N LEU B 157 20.41 -4.23 17.84
CA LEU B 157 19.83 -3.53 16.72
C LEU B 157 18.61 -2.72 17.13
N LYS B 158 17.75 -3.31 17.96
CA LYS B 158 16.56 -2.61 18.42
C LYS B 158 16.94 -1.40 19.28
N GLU B 159 17.94 -1.57 20.15
CA GLU B 159 18.28 -0.44 21.00
C GLU B 159 18.99 0.66 20.21
N ALA B 160 19.77 0.29 19.19
CA ALA B 160 20.44 1.32 18.39
C ALA B 160 19.43 2.16 17.60
N ILE B 161 18.36 1.55 17.13
CA ILE B 161 17.37 2.30 16.38
C ILE B 161 16.57 3.21 17.32
N LYS B 162 16.22 2.70 18.50
CA LYS B 162 15.56 3.55 19.49
C LYS B 162 16.47 4.68 19.94
N ASP B 163 17.74 4.38 20.25
CA ASP B 163 18.71 5.43 20.55
C ASP B 163 18.76 6.49 19.47
N ALA B 164 18.96 6.07 18.22
CA ALA B 164 19.13 7.04 17.13
C ALA B 164 17.88 7.89 16.95
N SER B 165 16.69 7.32 17.15
CA SER B 165 15.45 8.08 17.09
C SER B 165 15.42 9.23 18.08
N LEU B 166 16.33 9.27 19.05
CA LEU B 166 16.39 10.39 19.96
C LEU B 166 17.01 11.63 19.32
N VAL B 167 17.81 11.45 18.27
CA VAL B 167 18.61 12.55 17.75
C VAL B 167 18.29 12.91 16.30
N SER B 168 17.71 12.03 15.49
CA SER B 168 17.67 12.24 14.06
C SER B 168 16.67 11.27 13.45
N ASP B 169 16.50 11.37 12.13
CA ASP B 169 15.57 10.51 11.40
C ASP B 169 16.26 9.59 10.42
N SER B 170 17.59 9.61 10.37
CA SER B 170 18.36 8.67 9.57
C SER B 170 19.53 8.15 10.38
N LEU B 171 19.91 6.91 10.08
CA LEU B 171 20.92 6.20 10.82
C LEU B 171 22.01 5.80 9.84
N LYS B 172 23.23 6.25 10.09
CA LYS B 172 24.35 5.85 9.24
C LYS B 172 24.91 4.51 9.70
N PHE B 173 25.07 3.58 8.76
CA PHE B 173 25.77 2.32 9.01
C PHE B 173 27.18 2.44 8.46
N ILE B 174 28.16 2.14 9.30
CA ILE B 174 29.58 2.21 8.92
C ILE B 174 30.24 0.90 9.30
N ALA B 175 30.59 0.10 8.29
CA ALA B 175 31.25 -1.17 8.50
C ALA B 175 32.72 -1.05 8.10
N LYS B 176 33.60 -1.38 9.04
CA LYS B 176 35.04 -1.52 8.81
C LYS B 176 35.47 -2.94 9.15
N GLU B 177 36.76 -3.21 8.95
CA GLU B 177 37.23 -4.58 9.11
C GLU B 177 37.06 -5.06 10.56
N ASP B 178 37.31 -4.19 11.52
CA ASP B 178 37.32 -4.55 12.93
C ASP B 178 36.09 -4.08 13.70
N GLU B 179 35.24 -3.24 13.10
CA GLU B 179 34.15 -2.66 13.87
C GLU B 179 32.96 -2.35 12.97
N PHE B 180 31.78 -2.43 13.58
CA PHE B 180 30.53 -1.98 12.97
C PHE B 180 30.02 -0.81 13.81
N THR B 181 29.67 0.29 13.15
CA THR B 181 29.19 1.48 13.83
C THR B 181 27.89 1.96 13.20
N MET B 182 26.90 2.24 14.04
CA MET B 182 25.69 2.93 13.63
C MET B 182 25.69 4.28 14.29
N LYS B 183 25.55 5.34 13.49
CA LYS B 183 25.66 6.67 14.05
C LYS B 183 24.53 7.57 13.55
N ALA B 184 24.07 8.43 14.43
CA ALA B 184 23.07 9.44 14.08
C ALA B 184 23.52 10.77 14.68
N GLU B 185 23.32 11.83 13.91
CA GLU B 185 23.65 13.17 14.33
C GLU B 185 22.49 14.07 13.96
N GLY B 186 22.02 14.85 14.92
CA GLY B 186 21.11 15.95 14.69
C GLY B 186 21.85 17.24 14.98
N GLU B 187 21.08 18.33 14.98
CA GLU B 187 21.66 19.56 15.47
C GLU B 187 21.84 19.46 16.98
N THR B 188 23.06 19.78 17.43
CA THR B 188 23.48 19.77 18.84
C THR B 188 23.76 18.37 19.40
N ASN B 189 23.18 17.33 18.83
CA ASN B 189 23.13 16.03 19.49
C ASN B 189 23.63 14.92 18.58
N GLU B 190 24.10 13.83 19.19
CA GLU B 190 24.68 12.74 18.43
C GLU B 190 24.72 11.47 19.28
N VAL B 191 24.57 10.33 18.61
CA VAL B 191 24.70 9.03 19.25
C VAL B 191 25.48 8.12 18.30
N GLU B 192 26.35 7.29 18.86
CA GLU B 192 27.05 6.26 18.12
C GLU B 192 26.92 4.93 18.85
N ILE B 193 26.63 3.88 18.11
CA ILE B 193 26.63 2.51 18.63
C ILE B 193 27.75 1.77 17.92
N LYS B 194 28.67 1.19 18.70
CA LYS B 194 29.86 0.55 18.16
C LYS B 194 29.91 -0.89 18.65
N LEU B 195 30.12 -1.81 17.73
CA LEU B 195 30.40 -3.19 18.05
C LEU B 195 31.72 -3.61 17.42
N THR B 196 32.49 -4.37 18.19
CA THR B 196 33.61 -5.16 17.72
C THR B 196 33.34 -6.61 18.11
N LEU B 197 34.11 -7.52 17.51
CA LEU B 197 33.88 -8.93 17.82
C LEU B 197 34.21 -9.26 19.26
N GLU B 198 34.83 -8.35 20.01
CA GLU B 198 34.95 -8.47 21.45
C GLU B 198 33.63 -8.26 22.20
N ASP B 199 32.60 -7.74 21.53
CA ASP B 199 31.34 -7.39 22.19
C ASP B 199 30.33 -8.52 22.08
N GLU B 200 29.54 -8.70 23.13
CA GLU B 200 28.59 -9.80 23.19
C GLU B 200 27.48 -9.63 22.14
N GLY B 201 27.13 -8.40 21.78
CA GLY B 201 26.10 -8.17 20.80
C GLY B 201 26.47 -8.55 19.38
N LEU B 202 27.76 -8.61 19.05
CA LEU B 202 28.22 -8.89 17.69
C LEU B 202 28.59 -10.36 17.56
N LEU B 203 27.87 -11.09 16.72
CA LEU B 203 28.14 -12.51 16.53
C LEU B 203 29.06 -12.80 15.36
N ASP B 204 29.05 -11.97 14.32
CA ASP B 204 29.89 -12.19 13.15
C ASP B 204 30.01 -10.89 12.37
N LEU B 205 31.19 -10.67 11.78
CA LEU B 205 31.49 -9.44 11.05
C LEU B 205 32.43 -9.79 9.91
N GLU B 206 32.01 -9.47 8.68
CA GLU B 206 32.81 -9.73 7.49
C GLU B 206 32.61 -8.56 6.54
N VAL B 207 33.69 -7.85 6.23
CA VAL B 207 33.62 -6.70 5.35
C VAL B 207 34.69 -6.82 4.27
N GLU B 208 34.29 -6.54 3.04
CA GLU B 208 35.22 -6.47 1.91
C GLU B 208 36.04 -5.21 1.95
N GLU B 209 35.39 -4.10 2.27
CA GLU B 209 36.02 -2.79 2.34
C GLU B 209 35.20 -1.93 3.30
N GLU B 210 35.69 -0.73 3.58
CA GLU B 210 34.94 0.22 4.37
C GLU B 210 33.64 0.58 3.65
N THR B 211 32.52 0.48 4.38
CA THR B 211 31.20 0.59 3.80
C THR B 211 30.35 1.59 4.58
N ARG B 212 29.74 2.54 3.87
CA ARG B 212 28.90 3.56 4.49
C ARG B 212 27.58 3.67 3.76
N SER B 213 26.49 3.57 4.51
CA SER B 213 25.16 3.81 3.96
C SER B 213 24.30 4.37 5.08
N ALA B 214 23.23 5.07 4.72
CA ALA B 214 22.31 5.67 5.67
C ALA B 214 20.90 5.21 5.36
N TYR B 215 20.08 5.01 6.40
CA TYR B 215 18.74 4.47 6.23
C TYR B 215 17.76 5.24 7.12
N GLY B 216 16.51 5.30 6.66
CA GLY B 216 15.48 5.98 7.43
C GLY B 216 15.12 5.21 8.70
N ILE B 217 15.05 5.93 9.82
CA ILE B 217 14.80 5.32 11.11
C ILE B 217 13.34 4.87 11.22
N SER B 218 12.42 5.64 10.62
CA SER B 218 11.01 5.24 10.65
C SER B 218 10.82 3.86 10.03
N TYR B 219 11.53 3.56 8.93
CA TYR B 219 11.44 2.22 8.37
C TYR B 219 12.17 1.18 9.22
N LEU B 220 13.37 1.51 9.72
CA LEU B 220 14.11 0.57 10.54
C LEU B 220 13.34 0.18 11.80
N ALA B 221 12.74 1.18 12.46
CA ALA B 221 11.89 0.93 13.63
C ALA B 221 10.78 -0.06 13.30
N ASP B 222 10.05 0.18 12.21
CA ASP B 222 8.98 -0.75 11.86
C ASP B 222 9.52 -2.13 11.54
N MET B 223 10.74 -2.22 11.00
CA MET B 223 11.32 -3.51 10.64
C MET B 223 11.69 -4.33 11.88
N VAL B 224 12.18 -3.69 12.93
CA VAL B 224 12.70 -4.46 14.06
C VAL B 224 11.71 -4.58 15.19
N LYS B 225 10.60 -3.83 15.14
CA LYS B 225 9.69 -3.76 16.28
C LYS B 225 9.26 -5.15 16.73
N GLY B 226 9.00 -6.07 15.77
CA GLY B 226 8.62 -7.43 16.10
C GLY B 226 9.75 -8.42 16.32
N ILE B 227 10.99 -8.05 15.96
CA ILE B 227 12.15 -8.90 16.21
C ILE B 227 12.31 -9.11 17.71
N GLY B 228 12.69 -10.34 18.11
CA GLY B 228 12.92 -10.66 19.52
C GLY B 228 14.33 -10.36 19.99
N LYS B 229 14.43 -9.96 21.26
CA LYS B 229 15.70 -9.47 21.80
C LYS B 229 16.80 -10.51 21.71
N ALA B 230 16.46 -11.81 21.82
CA ALA B 230 17.45 -12.87 21.70
C ALA B 230 17.68 -13.29 20.26
N ASP B 231 16.79 -12.90 19.34
CA ASP B 231 16.95 -13.23 17.94
C ASP B 231 18.32 -12.80 17.41
N GLU B 232 18.81 -13.56 16.44
CA GLU B 232 20.03 -13.25 15.71
C GLU B 232 19.63 -12.73 14.34
N VAL B 233 20.05 -11.51 14.00
CA VAL B 233 19.70 -10.93 12.70
C VAL B 233 20.96 -10.71 11.88
N THR B 234 20.88 -11.02 10.60
CA THR B 234 21.95 -10.78 9.65
C THR B 234 21.65 -9.50 8.87
N LEU B 235 22.62 -8.59 8.82
CA LEU B 235 22.55 -7.41 7.97
C LEU B 235 23.57 -7.54 6.85
N ARG B 236 23.16 -7.16 5.65
CA ARG B 236 24.07 -7.00 4.52
C ARG B 236 23.79 -5.66 3.89
N PHE B 237 24.83 -4.89 3.61
CA PHE B 237 24.63 -3.64 2.91
C PHE B 237 25.91 -3.33 2.15
N GLY B 238 25.83 -2.25 1.37
CA GLY B 238 26.97 -1.72 0.66
C GLY B 238 26.84 -0.22 0.61
N THR B 239 27.89 0.45 0.12
CA THR B 239 27.89 1.90 0.14
C THR B 239 26.79 2.45 -0.76
N GLU B 240 25.92 3.29 -0.17
CA GLU B 240 24.72 3.82 -0.81
C GLU B 240 23.97 2.74 -1.59
N MET B 241 23.91 1.55 -1.02
CA MET B 241 23.13 0.42 -1.49
C MET B 241 22.00 0.13 -0.51
N PRO B 242 21.06 -0.75 -0.88
CA PRO B 242 19.99 -1.14 0.05
C PRO B 242 20.55 -1.98 1.20
N LEU B 243 19.76 -2.03 2.27
CA LEU B 243 20.08 -2.86 3.42
C LEU B 243 19.24 -4.12 3.35
N GLN B 244 19.88 -5.27 3.44
CA GLN B 244 19.16 -6.53 3.62
C GLN B 244 19.26 -6.98 5.06
N MET B 245 18.11 -7.26 5.66
CA MET B 245 18.04 -7.69 7.04
C MET B 245 17.28 -9.01 7.10
N ASP B 246 17.93 -10.08 7.59
CA ASP B 246 17.33 -11.42 7.67
C ASP B 246 17.29 -11.94 9.10
N TYR B 247 16.22 -12.65 9.44
CA TYR B 247 16.29 -13.52 10.60
C TYR B 247 15.48 -14.78 10.32
N PHE B 248 15.80 -15.83 11.05
CA PHE B 248 15.30 -17.17 10.80
C PHE B 248 14.22 -17.57 11.79
N ILE B 249 13.33 -18.42 11.30
CA ILE B 249 12.15 -18.88 12.04
C ILE B 249 12.23 -20.40 12.14
N ARG B 250 12.25 -20.90 13.38
CA ARG B 250 12.43 -22.34 13.62
C ARG B 250 13.60 -22.85 12.80
N ASP B 251 14.67 -22.06 12.75
CA ASP B 251 15.88 -22.39 12.03
C ASP B 251 15.70 -22.46 10.51
N GLU B 252 14.53 -22.90 10.04
CA GLU B 252 14.31 -23.17 8.61
C GLU B 252 13.63 -22.04 7.85
N GLY B 253 12.66 -21.37 8.47
CA GLY B 253 11.99 -20.30 7.80
C GLY B 253 12.81 -19.03 7.81
N LYS B 254 12.49 -18.13 6.91
CA LYS B 254 13.28 -16.92 6.78
C LYS B 254 12.37 -15.73 6.51
N LEU B 255 12.60 -14.63 7.21
CA LEU B 255 11.98 -13.36 6.94
C LEU B 255 13.07 -12.39 6.53
N THR B 256 12.87 -11.72 5.39
CA THR B 256 13.90 -10.88 4.79
C THR B 256 13.30 -9.54 4.44
N PHE B 257 14.00 -8.48 4.79
CA PHE B 257 13.69 -7.11 4.41
C PHE B 257 14.81 -6.56 3.54
N LEU B 258 14.44 -5.84 2.49
CA LEU B 258 15.37 -5.04 1.69
C LEU B 258 14.89 -3.60 1.76
N LEU B 259 15.74 -2.71 2.24
CA LEU B 259 15.36 -1.33 2.55
C LEU B 259 16.21 -0.39 1.70
N ALA B 260 15.54 0.50 0.95
CA ALA B 260 16.24 1.45 0.10
C ALA B 260 17.08 2.40 0.95
N PRO B 261 18.27 2.80 0.48
CA PRO B 261 19.06 3.76 1.25
C PRO B 261 18.40 5.13 1.26
N ARG B 262 18.80 5.96 2.20
CA ARG B 262 18.52 7.39 2.09
C ARG B 262 19.69 8.05 1.37
N VAL B 263 19.37 8.77 0.29
CA VAL B 263 20.38 9.45 -0.51
C VAL B 263 20.06 10.94 -0.62
C1 GOL C . -37.12 -6.09 -14.49
O1 GOL C . -37.56 -5.91 -13.18
C2 GOL C . -35.79 -5.33 -14.60
O2 GOL C . -35.00 -5.54 -13.50
C3 GOL C . -36.21 -3.83 -14.73
O3 GOL C . -35.20 -3.20 -15.47
C1 GOL D . -26.48 14.84 -13.85
O1 GOL D . -26.94 15.66 -14.86
C2 GOL D . -26.41 13.40 -14.46
O2 GOL D . -26.33 13.43 -15.85
C3 GOL D . -25.16 12.75 -13.81
O3 GOL D . -25.56 11.55 -13.29
C1 GOL E . -4.44 13.63 4.16
O1 GOL E . -4.38 14.95 4.61
C2 GOL E . -4.86 12.78 5.35
O2 GOL E . -6.25 12.81 5.56
C3 GOL E . -4.32 11.37 5.01
O3 GOL E . -4.77 10.47 5.99
C1 GOL F . -6.26 27.76 -2.68
O1 GOL F . -7.05 27.74 -1.52
C2 GOL F . -4.83 28.10 -2.23
O2 GOL F . -4.30 27.11 -1.42
C3 GOL F . -4.97 29.41 -1.46
O3 GOL F . -3.79 30.12 -1.72
S SO4 G . -19.61 -0.06 4.15
O1 SO4 G . -19.86 -1.44 4.59
O2 SO4 G . -18.46 -0.06 3.25
O3 SO4 G . -20.79 0.47 3.47
O4 SO4 G . -19.30 0.77 5.32
S SO4 H . -24.16 -1.16 2.54
O1 SO4 H . -24.94 -1.58 3.71
O2 SO4 H . -22.95 -1.96 2.45
O3 SO4 H . -24.97 -1.40 1.34
O4 SO4 H . -23.85 0.27 2.62
S SO4 I . 9.10 5.33 -18.94
O1 SO4 I . 8.67 4.20 -18.14
O2 SO4 I . 10.56 5.43 -18.89
O3 SO4 I . 8.68 5.13 -20.32
O4 SO4 I . 8.47 6.55 -18.43
S SO4 J . -22.90 15.93 -5.67
O1 SO4 J . -23.60 14.64 -5.64
O2 SO4 J . -21.49 15.64 -5.93
O3 SO4 J . -23.43 16.80 -6.73
O4 SO4 J . -23.04 16.60 -4.37
S SO4 K . -9.81 1.28 -22.31
O1 SO4 K . -10.82 0.92 -21.31
O2 SO4 K . -8.48 0.96 -21.78
O3 SO4 K . -10.06 0.55 -23.56
O4 SO4 K . -9.87 2.72 -22.57
C1 GOL L . 32.86 9.64 11.07
O1 GOL L . 31.58 9.83 10.54
C2 GOL L . 33.36 8.30 10.50
O2 GOL L . 34.63 8.42 9.93
C3 GOL L . 33.33 7.28 11.64
O3 GOL L . 34.08 6.16 11.20
C1 GOL M . 13.60 6.81 3.42
O1 GOL M . 13.01 7.35 2.28
C2 GOL M . 14.22 5.58 2.86
O2 GOL M . 14.34 5.71 1.47
C3 GOL M . 15.58 5.50 3.59
O3 GOL M . 15.78 4.22 4.03
C1 GOL N . 4.51 -25.47 -7.67
O1 GOL N . 5.78 -24.98 -8.00
C2 GOL N . 4.70 -26.92 -7.13
O2 GOL N . 5.99 -27.16 -6.66
C3 GOL N . 3.64 -27.08 -6.01
O3 GOL N . 3.63 -28.42 -5.67
C1 GOL O . -9.78 -21.66 23.97
O1 GOL O . -8.50 -22.12 24.26
C2 GOL O . -9.93 -20.27 24.64
O2 GOL O . -11.09 -19.60 24.17
C3 GOL O . -8.59 -19.52 24.34
O3 GOL O . -8.18 -18.92 25.54
S SO4 P . 27.11 -14.44 2.11
O1 SO4 P . 26.47 -15.67 1.63
O2 SO4 P . 28.25 -14.79 2.95
O3 SO4 P . 27.54 -13.61 0.99
O4 SO4 P . 26.15 -13.68 2.92
S SO4 Q . -0.81 -17.19 26.48
O1 SO4 Q . -1.52 -18.36 26.96
O2 SO4 Q . 0.63 -17.47 26.48
O3 SO4 Q . -1.23 -16.83 25.12
O4 SO4 Q . -1.11 -16.06 27.36
S SO4 R . 13.81 -1.58 -2.99
O1 SO4 R . 13.59 -2.90 -3.60
O2 SO4 R . 14.90 -1.67 -2.00
O3 SO4 R . 14.16 -0.63 -4.05
O4 SO4 R . 12.58 -1.12 -2.33
#